data_3EAY
#
_entry.id   3EAY
#
_cell.length_a   76.220
_cell.length_b   76.220
_cell.length_c   103.460
_cell.angle_alpha   90.000
_cell.angle_beta   90.000
_cell.angle_gamma   120.000
#
_symmetry.space_group_name_H-M   'P 32 2 1'
#
loop_
_entity.id
_entity.type
_entity.pdbx_description
1 polymer 'Sentrin-specific protease 7'
2 non-polymer 'SULFATE ION'
3 water water
#
_entity_poly.entity_id   1
_entity_poly.type   'polypeptide(L)'
_entity_poly.pdbx_seq_one_letter_code
;ITSNPDEEWREVRHTGLVQKLIVYPPPPTKGGLGVTNEDLECLEEGEFLNDVIIDFYLKYLILEKASDELVERSHIFSSF
FYKCLTRKENNLTEDNPNLSMAQRRHKRVRTWTRHINIFNKDYIFVPVNESSHWYLAVICFPWLEEAVYEDFPQTVSQQS
QAQQSQNDNKTIDNDLRTTSTLSLSAEDSQSTESNMSVPKKMCKRPCILILDSLKAASVQNTVQNLREYLEVEWEVKLKT
HRQFSKTNMVDLCPKVPKQDNSSDCGVYLLQYVESFFKDPIVNFELPIHLEKWFPRHVIKTKREDIRELILKLHLQQQKG
SSS
;
_entity_poly.pdbx_strand_id   A
#
# COMPACT_ATOMS: atom_id res chain seq x y z
N LEU A 17 -8.27 9.73 28.61
CA LEU A 17 -9.49 9.01 28.15
C LEU A 17 -9.78 9.24 26.67
N VAL A 18 -10.06 8.15 25.96
CA VAL A 18 -10.34 8.20 24.53
C VAL A 18 -11.63 7.44 24.26
N GLN A 19 -12.28 7.74 23.13
CA GLN A 19 -13.52 7.06 22.79
C GLN A 19 -13.35 6.35 21.45
N LYS A 20 -13.58 5.04 21.44
CA LYS A 20 -13.47 4.26 20.22
C LYS A 20 -14.74 4.53 19.41
N LEU A 21 -14.57 5.21 18.28
CA LEU A 21 -15.69 5.55 17.42
C LEU A 21 -16.20 4.38 16.61
N ILE A 22 -15.28 3.63 16.02
CA ILE A 22 -15.66 2.48 15.21
C ILE A 22 -14.67 1.33 15.29
N VAL A 23 -15.10 0.19 14.77
CA VAL A 23 -14.26 -0.99 14.70
C VAL A 23 -14.51 -1.39 13.25
N TYR A 24 -13.47 -1.37 12.44
CA TYR A 24 -13.65 -1.71 11.04
C TYR A 24 -12.71 -2.80 10.58
N PRO A 25 -13.26 -3.89 10.00
CA PRO A 25 -14.70 -4.12 9.78
C PRO A 25 -15.33 -4.41 11.13
N PRO A 26 -16.63 -4.16 11.27
CA PRO A 26 -17.27 -4.44 12.56
C PRO A 26 -17.58 -5.92 12.72
N PRO A 27 -17.62 -6.41 13.96
CA PRO A 27 -17.93 -7.83 14.12
C PRO A 27 -19.35 -8.08 13.59
N PRO A 28 -19.73 -9.35 13.38
CA PRO A 28 -18.99 -10.59 13.58
C PRO A 28 -17.62 -10.72 12.91
N THR A 29 -17.27 -9.80 12.03
CA THR A 29 -15.97 -9.88 11.35
C THR A 29 -14.84 -10.04 12.35
N LYS A 30 -13.72 -10.60 11.90
CA LYS A 30 -12.58 -10.86 12.78
C LYS A 30 -11.43 -9.86 12.81
N GLY A 31 -10.96 -9.43 11.63
CA GLY A 31 -9.85 -8.47 11.60
C GLY A 31 -10.26 -7.02 11.82
N GLY A 32 -10.88 -6.73 12.96
CA GLY A 32 -11.33 -5.38 13.23
C GLY A 32 -10.31 -4.37 13.74
N LEU A 33 -10.30 -3.19 13.12
CA LEU A 33 -9.40 -2.12 13.52
C LEU A 33 -10.20 -1.05 14.26
N GLY A 34 -9.69 -0.59 15.39
CA GLY A 34 -10.39 0.44 16.15
C GLY A 34 -9.95 1.86 15.79
N VAL A 35 -10.92 2.77 15.65
CA VAL A 35 -10.62 4.15 15.32
C VAL A 35 -11.22 5.07 16.39
N THR A 36 -10.36 5.80 17.08
CA THR A 36 -10.78 6.70 18.15
C THR A 36 -10.90 8.16 17.71
N ASN A 37 -11.36 9.00 18.64
CA ASN A 37 -11.51 10.42 18.37
C ASN A 37 -10.15 11.05 18.13
N GLU A 38 -9.14 10.57 18.85
CA GLU A 38 -7.79 11.09 18.67
C GLU A 38 -7.31 10.83 17.25
N ASP A 39 -7.70 9.69 16.70
CA ASP A 39 -7.32 9.35 15.34
C ASP A 39 -7.95 10.36 14.39
N LEU A 40 -9.16 10.80 14.72
CA LEU A 40 -9.85 11.81 13.91
C LEU A 40 -9.08 13.11 13.88
N GLU A 41 -8.43 13.42 15.00
CA GLU A 41 -7.66 14.65 15.12
C GLU A 41 -6.67 14.83 13.97
N CYS A 42 -6.04 13.75 13.52
CA CYS A 42 -5.07 13.86 12.45
C CYS A 42 -5.71 14.15 11.09
N LEU A 43 -7.04 14.16 11.02
CA LEU A 43 -7.70 14.46 9.76
C LEU A 43 -7.79 15.96 9.58
N GLU A 44 -7.35 16.73 10.58
CA GLU A 44 -7.37 18.17 10.47
C GLU A 44 -6.32 18.64 9.47
N GLU A 45 -6.62 19.73 8.79
CA GLU A 45 -5.71 20.30 7.81
C GLU A 45 -4.34 20.59 8.47
N GLY A 46 -3.25 20.18 7.83
CA GLY A 46 -1.93 20.42 8.39
C GLY A 46 -1.45 19.32 9.34
N GLU A 47 -2.23 18.25 9.45
CA GLU A 47 -1.87 17.13 10.32
C GLU A 47 -1.50 15.90 9.51
N PHE A 48 -0.41 15.23 9.90
CA PHE A 48 0.04 14.01 9.23
C PHE A 48 -0.95 12.91 9.57
N LEU A 49 -1.32 12.10 8.59
CA LEU A 49 -2.23 11.00 8.85
C LEU A 49 -1.46 9.94 9.63
N ASN A 50 -2.07 9.38 10.67
CA ASN A 50 -1.38 8.35 11.45
C ASN A 50 -1.64 6.96 10.86
N ASP A 51 -1.00 5.95 11.43
CA ASP A 51 -1.14 4.57 10.97
C ASP A 51 -2.58 4.12 10.92
N VAL A 52 -3.30 4.36 12.01
CA VAL A 52 -4.70 3.94 12.10
C VAL A 52 -5.59 4.42 10.96
N ILE A 53 -5.45 5.69 10.58
CA ILE A 53 -6.26 6.24 9.49
C ILE A 53 -5.88 5.61 8.14
N ILE A 54 -4.59 5.41 7.93
CA ILE A 54 -4.10 4.80 6.69
C ILE A 54 -4.61 3.38 6.55
N ASP A 55 -4.39 2.56 7.57
CA ASP A 55 -4.84 1.18 7.54
C ASP A 55 -6.37 1.07 7.48
N PHE A 56 -7.07 1.99 8.14
CA PHE A 56 -8.53 1.95 8.13
C PHE A 56 -9.07 2.12 6.71
N TYR A 57 -8.75 3.24 6.11
CA TYR A 57 -9.24 3.57 4.78
C TYR A 57 -8.84 2.54 3.73
N LEU A 58 -7.62 2.01 3.85
CA LEU A 58 -7.17 1.00 2.90
C LEU A 58 -8.05 -0.24 3.02
N LYS A 59 -8.46 -0.55 4.24
CA LYS A 59 -9.33 -1.70 4.45
C LYS A 59 -10.68 -1.41 3.85
N TYR A 60 -11.14 -0.17 4.04
CA TYR A 60 -12.41 0.25 3.50
C TYR A 60 -12.41 0.13 1.98
N LEU A 61 -11.32 0.55 1.34
CA LEU A 61 -11.24 0.48 -0.12
C LEU A 61 -11.24 -0.95 -0.62
N ILE A 62 -10.63 -1.85 0.14
CA ILE A 62 -10.58 -3.22 -0.30
C ILE A 62 -11.93 -3.88 -0.09
N LEU A 63 -12.66 -3.46 0.95
CA LEU A 63 -13.95 -4.06 1.23
C LEU A 63 -15.15 -3.39 0.56
N GLU A 64 -15.01 -2.14 0.14
CA GLU A 64 -16.15 -1.44 -0.45
C GLU A 64 -15.93 -0.83 -1.83
N LYS A 65 -14.69 -0.68 -2.27
CA LYS A 65 -14.45 -0.05 -3.56
C LYS A 65 -13.83 -0.91 -4.65
N ALA A 66 -12.99 -1.86 -4.27
CA ALA A 66 -12.34 -2.72 -5.24
C ALA A 66 -13.31 -3.74 -5.84
N SER A 67 -13.13 -4.04 -7.11
CA SER A 67 -13.95 -5.02 -7.78
C SER A 67 -13.54 -6.38 -7.20
N ASP A 68 -14.44 -7.36 -7.26
CA ASP A 68 -14.15 -8.67 -6.73
C ASP A 68 -12.83 -9.19 -7.31
N GLU A 69 -12.61 -8.95 -8.59
CA GLU A 69 -11.39 -9.38 -9.26
C GLU A 69 -10.17 -8.74 -8.62
N LEU A 70 -10.14 -7.42 -8.59
CA LEU A 70 -9.03 -6.68 -8.02
C LEU A 70 -8.74 -7.09 -6.59
N VAL A 71 -9.79 -7.51 -5.87
CA VAL A 71 -9.58 -7.93 -4.50
C VAL A 71 -8.82 -9.26 -4.48
N GLU A 72 -9.20 -10.19 -5.36
CA GLU A 72 -8.54 -11.49 -5.44
C GLU A 72 -7.12 -11.41 -5.96
N ARG A 73 -6.88 -10.42 -6.83
CA ARG A 73 -5.58 -10.22 -7.43
C ARG A 73 -4.68 -9.26 -6.67
N SER A 74 -5.15 -8.76 -5.53
CA SER A 74 -4.38 -7.82 -4.74
C SER A 74 -4.28 -8.20 -3.27
N HIS A 75 -3.26 -7.65 -2.61
CA HIS A 75 -3.07 -7.85 -1.19
C HIS A 75 -2.49 -6.56 -0.65
N ILE A 76 -3.05 -6.06 0.44
CA ILE A 76 -2.56 -4.83 1.02
C ILE A 76 -1.99 -5.07 2.40
N PHE A 77 -0.73 -4.76 2.60
CA PHE A 77 -0.10 -4.94 3.90
C PHE A 77 -0.43 -3.73 4.75
N SER A 78 -0.52 -3.92 6.06
CA SER A 78 -0.79 -2.80 6.94
C SER A 78 0.53 -2.03 7.06
N SER A 79 0.47 -0.83 7.59
CA SER A 79 1.67 -0.01 7.73
C SER A 79 2.74 -0.66 8.62
N PHE A 80 2.36 -1.63 9.44
CA PHE A 80 3.32 -2.29 10.32
C PHE A 80 4.25 -3.26 9.60
N PHE A 81 3.85 -3.69 8.41
CA PHE A 81 4.66 -4.60 7.63
C PHE A 81 6.06 -4.04 7.44
N TYR A 82 6.18 -2.94 6.69
CA TYR A 82 7.50 -2.38 6.45
C TYR A 82 8.21 -1.92 7.72
N LYS A 83 7.45 -1.42 8.69
CA LYS A 83 8.06 -0.99 9.94
C LYS A 83 8.76 -2.18 10.59
N CYS A 84 8.05 -3.30 10.70
CA CYS A 84 8.61 -4.51 11.31
C CYS A 84 9.69 -5.12 10.43
N LEU A 85 9.55 -4.98 9.12
CA LEU A 85 10.54 -5.53 8.21
C LEU A 85 11.89 -4.83 8.42
N THR A 86 11.87 -3.68 9.09
CA THR A 86 13.09 -2.92 9.33
C THR A 86 13.22 -2.35 10.74
N ARG A 87 13.77 -3.14 11.65
CA ARG A 87 13.96 -2.68 13.04
C ARG A 87 14.59 -3.75 13.93
N LYS A 88 15.68 -3.39 14.60
CA LYS A 88 16.38 -4.31 15.50
C LYS A 88 17.29 -3.54 16.44
N PRO A 97 22.01 -14.94 13.80
CA PRO A 97 23.00 -16.01 13.98
C PRO A 97 23.60 -16.52 12.67
N ASN A 98 23.04 -17.61 12.15
CA ASN A 98 23.51 -18.21 10.91
C ASN A 98 22.80 -17.66 9.67
N LEU A 99 21.75 -16.88 9.89
CA LEU A 99 20.98 -16.30 8.79
C LEU A 99 21.72 -15.12 8.16
N SER A 100 21.41 -14.85 6.89
CA SER A 100 22.02 -13.73 6.19
C SER A 100 21.21 -12.48 6.52
N MET A 101 21.61 -11.33 5.98
CA MET A 101 20.89 -10.09 6.25
C MET A 101 19.46 -10.16 5.71
N ALA A 102 19.33 -10.66 4.48
CA ALA A 102 18.03 -10.77 3.84
C ALA A 102 17.06 -11.65 4.60
N GLN A 103 17.52 -12.80 5.06
CA GLN A 103 16.64 -13.70 5.79
C GLN A 103 16.47 -13.40 7.27
N ARG A 104 17.19 -12.39 7.76
CA ARG A 104 17.07 -12.00 9.17
C ARG A 104 15.86 -11.08 9.36
N ARG A 105 15.68 -10.15 8.43
CA ARG A 105 14.55 -9.23 8.52
C ARG A 105 13.28 -9.88 8.02
N HIS A 106 13.40 -10.83 7.11
CA HIS A 106 12.21 -11.51 6.60
C HIS A 106 11.61 -12.36 7.72
N LYS A 107 12.46 -12.82 8.63
CA LYS A 107 12.01 -13.63 9.75
C LYS A 107 11.09 -12.81 10.64
N ARG A 108 11.32 -11.50 10.63
CA ARG A 108 10.54 -10.57 11.44
C ARG A 108 9.09 -10.38 10.97
N VAL A 109 8.80 -10.75 9.73
CA VAL A 109 7.45 -10.59 9.20
C VAL A 109 6.98 -11.82 8.45
N ARG A 110 7.66 -12.94 8.67
CA ARG A 110 7.34 -14.21 8.00
C ARG A 110 5.90 -14.64 8.25
N THR A 111 5.32 -14.18 9.35
CA THR A 111 3.95 -14.54 9.70
C THR A 111 2.87 -13.82 8.92
N TRP A 112 3.21 -12.64 8.38
CA TRP A 112 2.25 -11.85 7.62
C TRP A 112 1.76 -12.54 6.35
N THR A 113 2.38 -13.65 5.97
CA THR A 113 1.96 -14.37 4.78
C THR A 113 1.78 -15.85 5.05
N ARG A 114 1.55 -16.19 6.31
CA ARG A 114 1.38 -17.59 6.69
C ARG A 114 0.29 -18.26 5.85
N HIS A 115 -0.87 -17.62 5.75
CA HIS A 115 -1.98 -18.16 4.99
C HIS A 115 -2.29 -17.34 3.75
N ILE A 116 -1.28 -17.14 2.91
CA ILE A 116 -1.45 -16.37 1.69
C ILE A 116 -0.20 -16.34 0.83
N ASN A 117 -0.33 -16.83 -0.39
CA ASN A 117 0.80 -16.83 -1.31
C ASN A 117 0.71 -15.56 -2.14
N ILE A 118 1.70 -14.69 -1.97
CA ILE A 118 1.72 -13.42 -2.67
C ILE A 118 2.17 -13.51 -4.12
N PHE A 119 2.69 -14.65 -4.52
CA PHE A 119 3.13 -14.80 -5.89
C PHE A 119 1.99 -15.17 -6.83
N ASN A 120 0.79 -15.33 -6.26
CA ASN A 120 -0.42 -15.61 -7.03
C ASN A 120 -1.12 -14.29 -7.31
N LYS A 121 -0.60 -13.22 -6.69
CA LYS A 121 -1.17 -11.89 -6.81
C LYS A 121 -0.57 -11.04 -7.93
N ASP A 122 -1.35 -10.08 -8.41
CA ASP A 122 -0.90 -9.15 -9.44
C ASP A 122 -0.33 -7.91 -8.75
N TYR A 123 -0.95 -7.52 -7.64
CA TYR A 123 -0.52 -6.33 -6.93
C TYR A 123 -0.41 -6.52 -5.43
N ILE A 124 0.70 -6.07 -4.87
CA ILE A 124 0.95 -6.15 -3.44
C ILE A 124 1.33 -4.74 -3.00
N PHE A 125 0.47 -4.12 -2.21
CA PHE A 125 0.68 -2.76 -1.76
C PHE A 125 1.40 -2.66 -0.43
N VAL A 126 2.42 -1.82 -0.36
CA VAL A 126 3.15 -1.66 0.89
C VAL A 126 3.23 -0.19 1.31
N PRO A 127 2.42 0.20 2.31
CA PRO A 127 2.44 1.60 2.78
C PRO A 127 3.75 1.84 3.51
N VAL A 128 4.43 2.93 3.18
CA VAL A 128 5.70 3.24 3.78
C VAL A 128 5.73 4.64 4.35
N ASN A 129 6.22 4.75 5.58
CA ASN A 129 6.33 6.06 6.20
C ASN A 129 7.74 6.28 6.71
N GLU A 130 8.44 7.19 6.06
CA GLU A 130 9.81 7.50 6.45
C GLU A 130 9.94 8.97 6.78
N SER A 131 10.41 9.25 8.00
CA SER A 131 10.59 10.63 8.44
C SER A 131 9.26 11.37 8.40
N SER A 132 8.19 10.66 8.77
CA SER A 132 6.85 11.21 8.81
C SER A 132 6.20 11.35 7.43
N HIS A 133 6.94 11.03 6.38
CA HIS A 133 6.42 11.13 5.01
C HIS A 133 5.88 9.80 4.47
N TRP A 134 4.68 9.85 3.90
CA TRP A 134 4.05 8.65 3.36
C TRP A 134 4.28 8.47 1.87
N TYR A 135 4.60 7.25 1.47
CA TYR A 135 4.71 6.95 0.05
C TYR A 135 4.37 5.46 -0.12
N LEU A 136 4.01 5.10 -1.33
CA LEU A 136 3.56 3.74 -1.57
C LEU A 136 4.46 2.90 -2.47
N ALA A 137 4.60 1.63 -2.13
CA ALA A 137 5.39 0.72 -2.93
C ALA A 137 4.40 -0.35 -3.39
N VAL A 138 4.26 -0.49 -4.70
CA VAL A 138 3.35 -1.50 -5.23
C VAL A 138 4.14 -2.53 -6.06
N ILE A 139 4.19 -3.76 -5.55
CA ILE A 139 4.88 -4.84 -6.26
C ILE A 139 3.92 -5.35 -7.33
N CYS A 140 4.32 -5.25 -8.58
CA CYS A 140 3.45 -5.67 -9.66
C CYS A 140 3.89 -6.91 -10.43
N PHE A 141 2.90 -7.75 -10.73
CA PHE A 141 3.10 -8.99 -11.46
C PHE A 141 4.35 -9.75 -11.05
N PRO A 142 4.42 -10.17 -9.77
CA PRO A 142 5.60 -10.90 -9.32
C PRO A 142 5.71 -12.29 -9.95
N TRP A 143 4.65 -12.73 -10.64
CA TRP A 143 4.72 -14.03 -11.27
C TRP A 143 5.36 -14.00 -12.65
N LEU A 144 5.46 -12.83 -13.25
CA LEU A 144 6.10 -12.71 -14.56
C LEU A 144 7.61 -12.80 -14.37
N GLU A 145 8.30 -13.44 -15.31
CA GLU A 145 9.75 -13.59 -15.24
C GLU A 145 10.45 -12.40 -15.89
N GLU A 146 9.81 -11.82 -16.91
CA GLU A 146 10.37 -10.68 -17.62
C GLU A 146 9.28 -9.89 -18.31
N ALA A 147 9.67 -8.84 -19.02
CA ALA A 147 8.73 -7.98 -19.73
C ALA A 147 8.06 -8.68 -20.91
N VAL A 148 6.74 -8.52 -21.00
CA VAL A 148 5.97 -9.12 -22.08
C VAL A 148 5.21 -8.02 -22.80
N TYR A 149 4.86 -8.24 -24.07
CA TYR A 149 4.13 -7.24 -24.84
C TYR A 149 3.63 -7.75 -26.19
N GLU A 150 2.53 -7.18 -26.66
CA GLU A 150 1.92 -7.56 -27.94
C GLU A 150 1.89 -6.38 -28.90
N LYS A 200 -2.12 -3.35 -31.47
CA LYS A 200 -2.49 -3.51 -30.07
C LYS A 200 -1.24 -3.58 -29.18
N LYS A 201 -0.79 -2.42 -28.70
CA LYS A 201 0.38 -2.36 -27.85
C LYS A 201 0.02 -2.57 -26.38
N MET A 202 0.58 -3.61 -25.78
CA MET A 202 0.35 -3.90 -24.37
C MET A 202 1.73 -4.07 -23.78
N CYS A 203 1.85 -3.94 -22.46
CA CYS A 203 3.13 -4.10 -21.81
C CYS A 203 3.00 -4.28 -20.30
N LYS A 204 3.54 -5.38 -19.80
CA LYS A 204 3.52 -5.71 -18.38
C LYS A 204 4.89 -6.27 -18.03
N ARG A 205 5.26 -6.20 -16.76
CA ARG A 205 6.55 -6.72 -16.34
C ARG A 205 6.61 -6.83 -14.83
N PRO A 206 7.45 -7.74 -14.31
CA PRO A 206 7.51 -7.83 -12.86
C PRO A 206 8.25 -6.57 -12.44
N CYS A 207 7.74 -5.85 -11.45
CA CYS A 207 8.40 -4.61 -11.05
C CYS A 207 7.89 -4.02 -9.76
N ILE A 208 8.52 -2.94 -9.34
CA ILE A 208 8.09 -2.27 -8.12
C ILE A 208 7.82 -0.82 -8.43
N LEU A 209 6.57 -0.40 -8.29
CA LEU A 209 6.24 1.00 -8.54
C LEU A 209 6.33 1.78 -7.24
N ILE A 210 6.81 3.01 -7.33
CA ILE A 210 6.89 3.87 -6.17
C ILE A 210 6.00 5.07 -6.45
N LEU A 211 4.92 5.18 -5.68
CA LEU A 211 3.98 6.30 -5.83
C LEU A 211 4.20 7.21 -4.63
N ASP A 212 4.74 8.40 -4.89
CA ASP A 212 5.03 9.35 -3.82
C ASP A 212 4.56 10.74 -4.26
N SER A 213 3.79 11.44 -3.42
CA SER A 213 3.32 12.77 -3.78
C SER A 213 4.48 13.78 -3.83
N LEU A 214 5.66 13.30 -3.48
CA LEU A 214 6.89 14.08 -3.49
C LEU A 214 7.98 13.06 -3.82
N LYS A 215 9.12 13.13 -3.14
CA LYS A 215 10.22 12.18 -3.34
C LYS A 215 10.85 11.88 -2.00
N ALA A 216 11.03 10.60 -1.69
CA ALA A 216 11.62 10.20 -0.42
C ALA A 216 13.10 9.92 -0.59
N ALA A 217 13.87 10.13 0.48
CA ALA A 217 15.30 9.91 0.45
C ALA A 217 15.66 8.43 0.60
N SER A 218 14.84 7.72 1.37
CA SER A 218 15.06 6.30 1.66
C SER A 218 14.49 5.32 0.63
N VAL A 219 13.96 5.84 -0.49
CA VAL A 219 13.37 5.02 -1.54
C VAL A 219 14.21 3.82 -2.00
N GLN A 220 15.44 4.05 -2.44
CA GLN A 220 16.28 2.94 -2.89
C GLN A 220 16.46 1.89 -1.82
N ASN A 221 16.59 2.32 -0.58
CA ASN A 221 16.75 1.39 0.53
C ASN A 221 15.48 0.55 0.65
N THR A 222 14.35 1.18 0.36
CA THR A 222 13.05 0.51 0.43
C THR A 222 12.94 -0.53 -0.68
N VAL A 223 13.25 -0.12 -1.90
CA VAL A 223 13.17 -1.02 -3.04
C VAL A 223 14.09 -2.23 -2.89
N GLN A 224 15.29 -2.00 -2.34
CA GLN A 224 16.22 -3.09 -2.16
C GLN A 224 15.74 -4.03 -1.06
N ASN A 225 15.08 -3.50 -0.04
CA ASN A 225 14.57 -4.35 1.02
C ASN A 225 13.44 -5.24 0.53
N LEU A 226 12.64 -4.71 -0.39
CA LEU A 226 11.52 -5.47 -0.92
C LEU A 226 11.98 -6.56 -1.85
N ARG A 227 12.99 -6.27 -2.67
CA ARG A 227 13.49 -7.28 -3.59
C ARG A 227 14.03 -8.44 -2.75
N GLU A 228 14.72 -8.09 -1.67
CA GLU A 228 15.30 -9.09 -0.79
C GLU A 228 14.22 -9.81 0.00
N TYR A 229 13.11 -9.13 0.22
CA TYR A 229 12.01 -9.73 0.94
C TYR A 229 11.42 -10.79 0.02
N LEU A 230 11.29 -10.44 -1.25
CA LEU A 230 10.74 -11.37 -2.23
C LEU A 230 11.63 -12.58 -2.47
N GLU A 231 12.95 -12.40 -2.45
CA GLU A 231 13.86 -13.53 -2.66
C GLU A 231 13.64 -14.58 -1.58
N VAL A 232 13.65 -14.15 -0.32
CA VAL A 232 13.45 -15.07 0.78
C VAL A 232 12.08 -15.72 0.71
N GLU A 233 11.04 -14.90 0.59
CA GLU A 233 9.66 -15.39 0.50
C GLU A 233 9.47 -16.39 -0.64
N TRP A 234 10.10 -16.13 -1.79
CA TRP A 234 9.98 -17.05 -2.92
C TRP A 234 10.72 -18.35 -2.61
N GLU A 235 11.80 -18.26 -1.86
CA GLU A 235 12.58 -19.44 -1.50
C GLU A 235 11.81 -20.24 -0.44
N VAL A 236 11.08 -19.56 0.43
CA VAL A 236 10.31 -20.23 1.47
C VAL A 236 9.07 -20.96 0.92
N LYS A 237 8.42 -20.36 -0.07
CA LYS A 237 7.22 -20.92 -0.67
C LYS A 237 7.48 -21.83 -1.87
N LEU A 238 8.25 -21.34 -2.84
CA LEU A 238 8.54 -22.12 -4.03
C LEU A 238 9.68 -23.13 -3.92
N LYS A 239 10.42 -23.08 -2.81
CA LYS A 239 11.54 -23.99 -2.61
C LYS A 239 12.50 -23.99 -3.80
N THR A 240 12.77 -22.81 -4.33
CA THR A 240 13.69 -22.67 -5.46
C THR A 240 14.37 -21.31 -5.35
N HIS A 241 15.36 -21.05 -6.21
CA HIS A 241 16.06 -19.79 -6.17
C HIS A 241 15.77 -18.88 -7.36
N ARG A 242 15.18 -17.72 -7.05
CA ARG A 242 14.87 -16.73 -8.07
C ARG A 242 15.57 -15.44 -7.67
N GLN A 243 16.19 -14.79 -8.63
CA GLN A 243 16.93 -13.56 -8.34
C GLN A 243 16.17 -12.29 -8.66
N PHE A 244 15.74 -11.58 -7.62
CA PHE A 244 15.02 -10.32 -7.77
C PHE A 244 16.05 -9.21 -7.73
N SER A 245 16.44 -8.73 -8.92
CA SER A 245 17.45 -7.71 -9.02
C SER A 245 17.00 -6.42 -9.67
N LYS A 246 17.84 -5.40 -9.58
CA LYS A 246 17.57 -4.09 -10.15
C LYS A 246 17.12 -4.17 -11.60
N THR A 247 17.72 -5.09 -12.35
CA THR A 247 17.38 -5.25 -13.75
C THR A 247 16.29 -6.30 -13.92
N ASN A 248 16.31 -7.28 -13.03
CA ASN A 248 15.34 -8.35 -13.03
C ASN A 248 13.93 -7.82 -12.75
N MET A 249 13.82 -7.02 -11.70
CA MET A 249 12.56 -6.42 -11.30
C MET A 249 12.79 -4.93 -11.05
N VAL A 250 12.73 -4.18 -12.14
CA VAL A 250 12.97 -2.74 -12.10
C VAL A 250 12.04 -1.96 -11.19
N ASP A 251 12.54 -0.86 -10.67
CA ASP A 251 11.76 0.01 -9.81
C ASP A 251 11.42 1.24 -10.64
N LEU A 252 10.15 1.62 -10.67
CA LEU A 252 9.72 2.75 -11.46
C LEU A 252 8.93 3.76 -10.66
N CYS A 253 9.14 5.03 -10.95
CA CYS A 253 8.44 6.12 -10.30
C CYS A 253 7.53 6.76 -11.33
N PRO A 254 6.33 6.22 -11.54
CA PRO A 254 5.44 6.83 -12.53
C PRO A 254 5.12 8.27 -12.14
N LYS A 255 4.86 9.10 -13.14
CA LYS A 255 4.55 10.51 -12.90
C LYS A 255 3.09 10.69 -12.49
N VAL A 256 2.89 10.88 -11.19
CA VAL A 256 1.56 11.05 -10.63
C VAL A 256 1.40 12.44 -10.03
N PRO A 257 0.15 12.84 -9.72
CA PRO A 257 -0.09 14.17 -9.14
C PRO A 257 0.78 14.37 -7.90
N LYS A 258 1.31 15.58 -7.75
CA LYS A 258 2.16 15.88 -6.61
C LYS A 258 1.46 16.66 -5.51
N GLN A 259 2.00 16.50 -4.31
CA GLN A 259 1.51 17.13 -3.09
C GLN A 259 1.48 18.66 -3.22
N ASP A 260 0.42 19.29 -2.73
CA ASP A 260 0.34 20.76 -2.80
C ASP A 260 0.56 21.32 -1.41
N ASN A 261 -0.15 20.74 -0.44
CA ASN A 261 -0.07 21.17 0.94
C ASN A 261 0.87 20.28 1.73
N SER A 262 1.59 20.88 2.66
CA SER A 262 2.47 20.11 3.52
C SER A 262 1.54 19.26 4.39
N SER A 263 2.05 18.11 4.82
CA SER A 263 1.31 17.17 5.67
C SER A 263 0.27 16.33 4.91
N ASP A 264 0.22 16.47 3.59
CA ASP A 264 -0.76 15.73 2.81
C ASP A 264 -0.32 14.45 2.09
N CYS A 265 0.92 14.03 2.28
CA CYS A 265 1.39 12.83 1.60
C CYS A 265 0.51 11.61 1.93
N GLY A 266 -0.02 11.55 3.15
CA GLY A 266 -0.87 10.43 3.52
C GLY A 266 -2.16 10.42 2.69
N VAL A 267 -2.74 11.61 2.50
CA VAL A 267 -3.96 11.75 1.72
C VAL A 267 -3.70 11.27 0.29
N TYR A 268 -2.53 11.62 -0.25
CA TYR A 268 -2.16 11.20 -1.60
C TYR A 268 -1.99 9.69 -1.68
N LEU A 269 -1.42 9.11 -0.62
CA LEU A 269 -1.25 7.67 -0.61
C LEU A 269 -2.64 7.03 -0.74
N LEU A 270 -3.61 7.48 0.05
CA LEU A 270 -4.95 6.90 -0.03
C LEU A 270 -5.57 7.11 -1.41
N GLN A 271 -5.44 8.32 -1.95
CA GLN A 271 -5.99 8.58 -3.27
C GLN A 271 -5.35 7.68 -4.33
N TYR A 272 -4.06 7.41 -4.20
CA TYR A 272 -3.38 6.56 -5.16
C TYR A 272 -3.99 5.17 -5.23
N VAL A 273 -4.19 4.56 -4.08
CA VAL A 273 -4.79 3.24 -4.03
C VAL A 273 -6.23 3.29 -4.55
N GLU A 274 -6.95 4.35 -4.19
CA GLU A 274 -8.33 4.49 -4.64
C GLU A 274 -8.38 4.60 -6.15
N SER A 275 -7.52 5.44 -6.70
CA SER A 275 -7.48 5.62 -8.15
C SER A 275 -6.97 4.36 -8.82
N PHE A 276 -6.04 3.67 -8.15
CA PHE A 276 -5.51 2.44 -8.70
C PHE A 276 -6.60 1.38 -8.79
N PHE A 277 -7.48 1.34 -7.79
CA PHE A 277 -8.56 0.36 -7.81
C PHE A 277 -9.65 0.73 -8.82
N LYS A 278 -9.91 2.01 -8.97
CA LYS A 278 -10.94 2.45 -9.92
C LYS A 278 -10.47 2.29 -11.35
N ASP A 279 -9.15 2.36 -11.54
CA ASP A 279 -8.55 2.25 -12.86
C ASP A 279 -7.11 1.78 -12.72
N PRO A 280 -6.92 0.46 -12.56
CA PRO A 280 -5.61 -0.18 -12.40
C PRO A 280 -4.59 0.16 -13.49
N ILE A 281 -3.32 -0.06 -13.19
CA ILE A 281 -2.25 0.17 -14.13
C ILE A 281 -2.00 -1.17 -14.83
N VAL A 282 -2.31 -1.22 -16.12
CA VAL A 282 -2.15 -2.42 -16.91
C VAL A 282 -0.98 -2.32 -17.89
N ASN A 283 -0.68 -1.12 -18.35
CA ASN A 283 0.43 -0.90 -19.28
C ASN A 283 1.61 -0.30 -18.52
N PHE A 284 2.75 -0.98 -18.56
CA PHE A 284 3.95 -0.52 -17.86
C PHE A 284 5.02 0.08 -18.76
N GLU A 285 4.59 0.57 -19.92
CA GLU A 285 5.50 1.17 -20.87
C GLU A 285 5.97 2.49 -20.31
N LEU A 286 7.28 2.64 -20.14
CA LEU A 286 7.83 3.87 -19.61
C LEU A 286 7.82 4.96 -20.67
N PRO A 287 7.50 6.21 -20.27
CA PRO A 287 7.16 6.57 -18.90
C PRO A 287 5.66 6.41 -18.61
N ILE A 288 5.33 5.98 -17.40
CA ILE A 288 3.92 5.81 -17.01
C ILE A 288 3.37 7.20 -16.66
N HIS A 289 2.50 7.70 -17.53
CA HIS A 289 1.89 9.01 -17.36
C HIS A 289 0.59 8.97 -16.57
N LEU A 290 0.61 9.52 -15.37
CA LEU A 290 -0.57 9.57 -14.50
C LEU A 290 -0.69 10.94 -13.90
N GLU A 291 -0.16 11.94 -14.61
CA GLU A 291 -0.18 13.31 -14.12
C GLU A 291 -1.58 13.82 -13.80
N LYS A 292 -2.59 13.30 -14.50
CA LYS A 292 -3.98 13.71 -14.29
C LYS A 292 -4.79 12.51 -13.86
N TRP A 293 -4.15 11.63 -13.07
CA TRP A 293 -4.80 10.42 -12.60
C TRP A 293 -6.15 10.71 -11.95
N PHE A 294 -6.23 11.79 -11.20
CA PHE A 294 -7.46 12.16 -10.53
C PHE A 294 -7.57 13.68 -10.50
N PRO A 295 -8.79 14.21 -10.34
CA PRO A 295 -8.95 15.68 -10.29
C PRO A 295 -8.42 16.22 -8.97
N ARG A 296 -7.87 17.42 -9.01
CA ARG A 296 -7.33 18.03 -7.80
C ARG A 296 -8.36 18.26 -6.70
N HIS A 297 -9.62 18.47 -7.07
CA HIS A 297 -10.63 18.71 -6.06
C HIS A 297 -10.91 17.46 -5.22
N VAL A 298 -10.63 16.28 -5.77
CA VAL A 298 -10.87 15.05 -5.03
C VAL A 298 -9.94 15.01 -3.81
N ILE A 299 -8.73 15.53 -3.97
CA ILE A 299 -7.76 15.57 -2.87
C ILE A 299 -8.18 16.63 -1.85
N LYS A 300 -8.64 17.77 -2.36
CA LYS A 300 -9.04 18.89 -1.52
C LYS A 300 -10.10 18.56 -0.47
N THR A 301 -11.04 17.70 -0.82
CA THR A 301 -12.11 17.34 0.10
C THR A 301 -11.90 15.99 0.78
N LYS A 302 -10.81 15.32 0.45
CA LYS A 302 -10.57 14.00 1.00
C LYS A 302 -10.46 13.83 2.51
N ARG A 303 -9.77 14.73 3.20
CA ARG A 303 -9.64 14.61 4.66
C ARG A 303 -11.01 14.63 5.30
N GLU A 304 -11.83 15.57 4.83
CA GLU A 304 -13.18 15.75 5.35
C GLU A 304 -14.08 14.58 4.98
N ASP A 305 -13.96 14.10 3.74
CA ASP A 305 -14.76 12.96 3.30
C ASP A 305 -14.50 11.75 4.19
N ILE A 306 -13.23 11.56 4.57
CA ILE A 306 -12.84 10.45 5.43
C ILE A 306 -13.42 10.58 6.84
N ARG A 307 -13.40 11.80 7.36
CA ARG A 307 -13.93 12.07 8.68
C ARG A 307 -15.43 11.79 8.66
N GLU A 308 -16.11 12.26 7.62
CA GLU A 308 -17.54 12.03 7.49
C GLU A 308 -17.83 10.55 7.39
N LEU A 309 -16.95 9.81 6.71
CA LEU A 309 -17.12 8.37 6.57
C LEU A 309 -17.03 7.69 7.95
N ILE A 310 -16.06 8.08 8.75
CA ILE A 310 -15.88 7.49 10.06
C ILE A 310 -17.09 7.76 10.95
N LEU A 311 -17.57 9.00 10.96
CA LEU A 311 -18.72 9.34 11.79
C LEU A 311 -20.00 8.69 11.24
N LYS A 312 -20.08 8.53 9.92
CA LYS A 312 -21.25 7.90 9.34
C LYS A 312 -21.31 6.44 9.82
N LEU A 313 -20.16 5.79 9.87
CA LEU A 313 -20.08 4.40 10.33
C LEU A 313 -20.26 4.31 11.84
N HIS A 314 -19.90 5.38 12.54
CA HIS A 314 -20.05 5.40 14.00
C HIS A 314 -21.53 5.30 14.35
N LEU A 315 -22.35 6.00 13.59
CA LEU A 315 -23.79 6.01 13.81
C LEU A 315 -24.42 4.73 13.31
N GLN A 316 -23.77 4.04 12.37
CA GLN A 316 -24.32 2.80 11.87
C GLN A 316 -24.05 1.68 12.85
N GLN A 317 -22.84 1.67 13.42
CA GLN A 317 -22.47 0.64 14.39
C GLN A 317 -23.14 0.94 15.73
N GLN A 318 -23.93 2.00 15.75
CA GLN A 318 -24.64 2.39 16.96
C GLN A 318 -26.11 2.05 16.77
N LYS A 319 -26.57 2.20 15.54
CA LYS A 319 -27.96 1.93 15.18
C LYS A 319 -28.25 0.45 15.37
N GLY A 320 -27.18 -0.33 15.57
CA GLY A 320 -27.32 -1.76 15.76
C GLY A 320 -26.48 -2.25 16.94
#